data_6T7L
#
_entry.id   6T7L
#
_cell.length_a   138.178
_cell.length_b   138.178
_cell.length_c   138.178
_cell.angle_alpha   90.000
_cell.angle_beta   90.000
_cell.angle_gamma   90.000
#
_symmetry.space_group_name_H-M   'P 43 3 2'
#
loop_
_entity.id
_entity.type
_entity.pdbx_description
1 polymer Beta-lactamase
2 non-polymer '2-(N-MORPHOLINO)-ETHANESULFONIC ACID'
3 non-polymer (2S,5R)-N-(2-aminoethoxy)-1-formyl-5-[(sulfooxy)amino]piperidine-2-carboxamide
4 non-polymer 'ZINC ION'
5 non-polymer 'SULFATE ION'
6 non-polymer 'TRIETHYLENE GLYCOL'
7 non-polymer 'CHLORIDE ION'
8 water water
#
_entity_poly.entity_id   1
_entity_poly.type   'polypeptide(L)'
_entity_poly.pdbx_seq_one_letter_code
;APQQINDIVHRTITPLIEQQKIPGMAVAVIYQGKPYYFTWGYADIAKKQPVTQQTLFELGSVSKTFTGVLGGDAIARGEI
KLSDPTTKYWPELTAKQWNGITLLHLATYTAGGLPLQVPDEVKSSSDLLRFYQNWQPAWAPGTQRLYANSSIGLFGALAV
KPSGLSFEQAMQTRVFQPLKLNHTWINVPPAEEKNYAWGYREGKAVHVSPGALDAEAYGVKSTIEDMARWVQSNLKPLDI
NEKTLQQGIQLAQSRYWQTGDMYQGLGWEMLDWPVNPDSIINGSDNKIALAARPVKAITPPTPAVRASWVHKTGATGGFG
SYVAFIPEKELGIVMLANKNYPNPARVDAAWQILNALQ
;
_entity_poly.pdbx_strand_id   A
#
loop_
_chem_comp.id
_chem_comp.type
_chem_comp.name
_chem_comp.formula
CL non-polymer 'CHLORIDE ION' 'Cl -1'
MES non-polymer '2-(N-MORPHOLINO)-ETHANESULFONIC ACID' 'C6 H13 N O4 S'
OP0 non-polymer (2S,5R)-N-(2-aminoethoxy)-1-formyl-5-[(sulfooxy)amino]piperidine-2-carboxamide 'C9 H18 N4 O7 S'
PGE non-polymer 'TRIETHYLENE GLYCOL' 'C6 H14 O4'
SO4 non-polymer 'SULFATE ION' 'O4 S -2'
ZN non-polymer 'ZINC ION' 'Zn 2'
#
# COMPACT_ATOMS: atom_id res chain seq x y z
N ALA A 1 -3.51 -26.27 6.87
CA ALA A 1 -2.31 -25.55 7.23
C ALA A 1 -1.59 -26.26 8.37
N PRO A 2 -0.28 -26.04 8.49
CA PRO A 2 0.46 -26.55 9.66
C PRO A 2 -0.19 -26.11 10.97
N GLN A 3 -0.16 -27.02 11.95
CA GLN A 3 -0.81 -26.74 13.22
C GLN A 3 -0.26 -25.47 13.86
N GLN A 4 1.04 -25.22 13.72
CA GLN A 4 1.64 -24.04 14.33
C GLN A 4 1.03 -22.76 13.78
N ILE A 5 0.70 -22.75 12.49
CA ILE A 5 0.07 -21.57 11.89
C ILE A 5 -1.37 -21.44 12.37
N ASN A 6 -2.13 -22.54 12.32
CA ASN A 6 -3.51 -22.49 12.80
C ASN A 6 -3.57 -21.97 14.23
N ASP A 7 -2.68 -22.47 15.09
N ASP A 7 -2.66 -22.44 15.08
CA ASP A 7 -2.71 -22.11 16.50
CA ASP A 7 -2.76 -22.09 16.49
C ASP A 7 -2.43 -20.63 16.70
C ASP A 7 -2.41 -20.63 16.74
N ILE A 8 -1.34 -20.11 16.13
CA ILE A 8 -0.99 -18.72 16.36
C ILE A 8 -2.03 -17.79 15.74
N VAL A 9 -2.59 -18.16 14.59
CA VAL A 9 -3.60 -17.31 13.97
C VAL A 9 -4.87 -17.27 14.83
N HIS A 10 -5.32 -18.42 15.34
CA HIS A 10 -6.49 -18.36 16.20
C HIS A 10 -6.23 -17.49 17.43
N ARG A 11 -5.11 -17.74 18.13
N ARG A 11 -5.11 -17.74 18.12
CA ARG A 11 -4.83 -17.07 19.38
CA ARG A 11 -4.83 -17.07 19.38
C ARG A 11 -4.55 -15.58 19.21
C ARG A 11 -4.53 -15.59 19.22
N THR A 12 -4.19 -15.14 18.00
CA THR A 12 -3.90 -13.75 17.74
C THR A 12 -5.08 -13.02 17.12
N ILE A 13 -5.66 -13.59 16.07
CA ILE A 13 -6.67 -12.86 15.31
C ILE A 13 -8.06 -12.96 15.94
N THR A 14 -8.45 -14.12 16.44
CA THR A 14 -9.79 -14.18 17.05
C THR A 14 -9.91 -13.18 18.20
N PRO A 15 -8.93 -13.09 19.11
CA PRO A 15 -9.03 -12.05 20.15
C PRO A 15 -8.95 -10.63 19.59
N LEU A 16 -8.15 -10.39 18.56
CA LEU A 16 -8.14 -9.07 17.93
C LEU A 16 -9.55 -8.70 17.48
N ILE A 17 -10.23 -9.64 16.83
CA ILE A 17 -11.59 -9.40 16.35
C ILE A 17 -12.53 -9.14 17.53
N GLU A 18 -12.40 -9.91 18.61
CA GLU A 18 -13.17 -9.67 19.84
C GLU A 18 -12.88 -8.28 20.42
N GLN A 19 -11.60 -7.90 20.47
CA GLN A 19 -11.20 -6.64 21.10
C GLN A 19 -11.68 -5.44 20.28
N GLN A 20 -11.64 -5.54 18.95
CA GLN A 20 -11.87 -4.41 18.06
C GLN A 20 -13.25 -4.39 17.43
N LYS A 21 -14.08 -5.40 17.70
CA LYS A 21 -15.45 -5.46 17.18
C LYS A 21 -15.47 -5.45 15.65
N ILE A 22 -14.59 -6.25 15.04
CA ILE A 22 -14.47 -6.33 13.59
C ILE A 22 -15.53 -7.25 13.02
N PRO A 23 -16.39 -6.78 12.09
CA PRO A 23 -17.47 -7.66 11.60
C PRO A 23 -17.01 -8.77 10.67
N GLY A 24 -15.97 -8.55 9.88
CA GLY A 24 -15.49 -9.51 8.91
C GLY A 24 -14.01 -9.30 8.66
N MET A 25 -13.29 -10.40 8.48
CA MET A 25 -11.84 -10.34 8.35
C MET A 25 -11.34 -11.49 7.51
N ALA A 26 -10.33 -11.20 6.70
CA ALA A 26 -9.59 -12.21 5.97
C ALA A 26 -8.11 -12.02 6.24
N VAL A 27 -7.41 -13.14 6.45
CA VAL A 27 -5.97 -13.15 6.70
C VAL A 27 -5.33 -14.18 5.79
N ALA A 28 -4.19 -13.82 5.22
CA ALA A 28 -3.31 -14.77 4.56
C ALA A 28 -1.97 -14.74 5.28
N VAL A 29 -1.50 -15.91 5.70
CA VAL A 29 -0.15 -16.06 6.23
C VAL A 29 0.66 -16.75 5.15
N ILE A 30 1.73 -16.11 4.71
CA ILE A 30 2.67 -16.71 3.78
CA ILE A 30 2.67 -16.71 3.78
C ILE A 30 3.82 -17.27 4.58
N TYR A 31 3.98 -18.58 4.52
CA TYR A 31 4.98 -19.30 5.30
C TYR A 31 5.75 -20.18 4.33
N GLN A 32 7.07 -20.04 4.32
CA GLN A 32 7.90 -20.73 3.34
C GLN A 32 7.34 -20.52 1.93
N GLY A 33 6.89 -19.30 1.66
CA GLY A 33 6.47 -18.90 0.34
C GLY A 33 5.06 -19.27 -0.05
N LYS A 34 4.31 -20.01 0.78
CA LYS A 34 2.99 -20.52 0.45
C LYS A 34 1.93 -19.83 1.29
N PRO A 35 0.83 -19.39 0.71
CA PRO A 35 -0.23 -18.77 1.51
C PRO A 35 -1.17 -19.77 2.16
N TYR A 36 -1.56 -19.43 3.38
CA TYR A 36 -2.59 -20.12 4.15
C TYR A 36 -3.65 -19.11 4.52
N TYR A 37 -4.90 -19.44 4.23
CA TYR A 37 -6.00 -18.49 4.31
C TYR A 37 -6.92 -18.76 5.47
N PHE A 38 -7.44 -17.67 6.05
CA PHE A 38 -8.32 -17.69 7.20
C PHE A 38 -9.37 -16.61 7.01
N THR A 39 -10.62 -16.91 7.34
CA THR A 39 -11.67 -15.91 7.27
C THR A 39 -12.53 -15.98 8.53
N TRP A 40 -13.16 -14.84 8.85
CA TRP A 40 -14.08 -14.72 9.96
C TRP A 40 -15.22 -13.78 9.58
N GLY A 41 -16.41 -14.06 10.08
CA GLY A 41 -17.45 -13.05 10.08
C GLY A 41 -18.10 -12.80 8.72
N TYR A 42 -18.59 -11.57 8.56
CA TYR A 42 -19.49 -11.22 7.48
C TYR A 42 -18.96 -10.07 6.64
N ALA A 43 -19.08 -10.26 5.32
CA ALA A 43 -18.86 -9.18 4.36
C ALA A 43 -20.03 -8.21 4.35
N ASP A 44 -21.25 -8.71 4.56
CA ASP A 44 -22.47 -7.91 4.60
C ASP A 44 -23.26 -8.45 5.79
N ILE A 45 -23.33 -7.64 6.86
CA ILE A 45 -23.96 -8.09 8.11
C ILE A 45 -25.44 -8.37 7.89
N ALA A 46 -26.16 -7.42 7.30
CA ALA A 46 -27.61 -7.54 7.22
C ALA A 46 -28.01 -8.72 6.31
N LYS A 47 -27.24 -8.97 5.25
N LYS A 47 -27.24 -8.97 5.25
CA LYS A 47 -27.53 -10.10 4.38
CA LYS A 47 -27.51 -10.10 4.37
C LYS A 47 -26.93 -11.40 4.90
C LYS A 47 -26.95 -11.40 4.91
N LYS A 48 -26.14 -11.34 5.97
CA LYS A 48 -25.49 -12.52 6.54
C LYS A 48 -24.63 -13.23 5.50
N GLN A 49 -23.95 -12.44 4.67
CA GLN A 49 -23.05 -12.99 3.67
C GLN A 49 -21.65 -13.15 4.29
N PRO A 50 -21.12 -14.36 4.35
N PRO A 50 -21.15 -14.37 4.45
CA PRO A 50 -19.83 -14.55 5.00
CA PRO A 50 -19.84 -14.52 5.08
C PRO A 50 -18.68 -13.95 4.20
C PRO A 50 -18.68 -14.01 4.23
N VAL A 51 -17.61 -13.61 4.92
CA VAL A 51 -16.35 -13.34 4.25
C VAL A 51 -15.83 -14.66 3.69
N THR A 52 -15.39 -14.63 2.43
CA THR A 52 -14.76 -15.77 1.78
C THR A 52 -13.43 -15.32 1.18
N GLN A 53 -12.72 -16.27 0.59
CA GLN A 53 -11.47 -15.94 -0.10
C GLN A 53 -11.69 -15.12 -1.36
N GLN A 54 -12.94 -14.96 -1.80
CA GLN A 54 -13.32 -14.14 -2.95
C GLN A 54 -13.86 -12.77 -2.56
N THR A 55 -13.97 -12.47 -1.28
CA THR A 55 -14.52 -11.18 -0.85
C THR A 55 -13.54 -10.07 -1.18
N LEU A 56 -14.05 -8.99 -1.77
CA LEU A 56 -13.28 -7.80 -2.05
C LEU A 56 -13.31 -6.86 -0.84
N PHE A 57 -12.13 -6.38 -0.44
CA PHE A 57 -12.00 -5.38 0.59
C PHE A 57 -11.36 -4.12 0.01
N GLU A 58 -11.68 -2.96 0.61
CA GLU A 58 -10.99 -1.72 0.28
C GLU A 58 -9.60 -1.73 0.93
N LEU A 59 -8.57 -1.62 0.10
CA LEU A 59 -7.19 -1.63 0.58
C LEU A 59 -6.76 -0.29 1.16
N GLY A 60 -7.48 0.78 0.87
CA GLY A 60 -7.03 2.09 1.31
C GLY A 60 -5.61 2.33 0.84
N SER A 61 -4.80 2.90 1.74
CA SER A 61 -3.45 3.36 1.40
C SER A 61 -2.48 2.21 0.99
N VAL A 62 -2.85 0.96 1.22
CA VAL A 62 -2.07 -0.15 0.67
C VAL A 62 -2.02 -0.05 -0.87
N SER A 63 -3.01 0.64 -1.45
CA SER A 63 -2.98 0.93 -2.89
C SER A 63 -1.66 1.56 -3.33
N LYS A 64 -1.02 2.34 -2.46
CA LYS A 64 0.22 3.02 -2.83
C LYS A 64 1.34 2.04 -3.17
N THR A 65 1.28 0.80 -2.68
CA THR A 65 2.31 -0.16 -3.06
C THR A 65 2.18 -0.53 -4.54
N PHE A 66 0.94 -0.64 -5.05
CA PHE A 66 0.76 -0.83 -6.48
C PHE A 66 1.26 0.38 -7.25
N THR A 67 0.93 1.58 -6.79
CA THR A 67 1.41 2.79 -7.45
C THR A 67 2.93 2.85 -7.49
N GLY A 68 3.58 2.52 -6.38
CA GLY A 68 5.03 2.55 -6.35
C GLY A 68 5.66 1.56 -7.31
N VAL A 69 5.11 0.35 -7.38
CA VAL A 69 5.62 -0.66 -8.30
C VAL A 69 5.37 -0.26 -9.75
N LEU A 70 4.20 0.30 -10.05
CA LEU A 70 3.95 0.78 -11.41
C LEU A 70 4.95 1.87 -11.78
N GLY A 71 5.24 2.76 -10.84
CA GLY A 71 6.26 3.77 -11.08
C GLY A 71 7.62 3.16 -11.30
N GLY A 72 7.97 2.16 -10.50
CA GLY A 72 9.23 1.45 -10.72
C GLY A 72 9.30 0.80 -12.07
N ASP A 73 8.19 0.20 -12.52
CA ASP A 73 8.14 -0.40 -13.85
C ASP A 73 8.37 0.65 -14.93
N ALA A 74 7.83 1.85 -14.75
CA ALA A 74 8.08 2.94 -15.71
C ALA A 74 9.55 3.36 -15.72
N ILE A 75 10.19 3.37 -14.55
CA ILE A 75 11.62 3.65 -14.49
C ILE A 75 12.39 2.61 -15.28
N ALA A 76 12.03 1.34 -15.07
CA ALA A 76 12.72 0.24 -15.73
C ALA A 76 12.51 0.25 -17.24
N ARG A 77 11.40 0.82 -17.71
CA ARG A 77 11.15 0.99 -19.14
C ARG A 77 11.86 2.22 -19.71
N GLY A 78 12.51 3.02 -18.87
CA GLY A 78 13.13 4.24 -19.32
C GLY A 78 12.16 5.37 -19.60
N GLU A 79 10.89 5.20 -19.21
CA GLU A 79 9.88 6.19 -19.50
C GLU A 79 9.98 7.42 -18.60
N ILE A 80 10.42 7.23 -17.35
CA ILE A 80 10.63 8.31 -16.40
C ILE A 80 11.96 8.10 -15.67
N LYS A 81 12.47 9.19 -15.10
CA LYS A 81 13.56 9.14 -14.14
C LYS A 81 13.10 9.87 -12.88
N LEU A 82 13.46 9.31 -11.72
CA LEU A 82 13.05 9.95 -10.46
C LEU A 82 13.64 11.35 -10.29
N SER A 83 14.77 11.63 -10.93
CA SER A 83 15.34 12.97 -10.86
C SER A 83 14.63 13.97 -11.77
N ASP A 84 13.68 13.53 -12.60
CA ASP A 84 13.04 14.44 -13.53
C ASP A 84 12.21 15.47 -12.77
N PRO A 85 12.20 16.71 -13.22
CA PRO A 85 11.30 17.71 -12.62
C PRO A 85 9.84 17.39 -12.90
N THR A 86 9.00 17.69 -11.91
CA THR A 86 7.56 17.54 -12.09
C THR A 86 7.08 18.25 -13.35
N THR A 87 7.63 19.43 -13.62
CA THR A 87 7.17 20.22 -14.75
C THR A 87 7.49 19.58 -16.10
N LYS A 88 8.38 18.59 -16.16
CA LYS A 88 8.60 17.90 -17.42
C LYS A 88 7.31 17.22 -17.88
N TYR A 89 6.52 16.72 -16.93
CA TYR A 89 5.29 15.99 -17.21
C TYR A 89 4.04 16.84 -17.10
N TRP A 90 4.13 18.00 -16.44
CA TRP A 90 3.00 18.91 -16.29
C TRP A 90 3.53 20.32 -16.46
N PRO A 91 3.80 20.73 -17.70
CA PRO A 91 4.40 22.06 -17.91
C PRO A 91 3.49 23.21 -17.52
N GLU A 92 2.18 22.98 -17.38
CA GLU A 92 1.27 24.02 -16.94
C GLU A 92 1.45 24.36 -15.46
N LEU A 93 2.20 23.55 -14.71
N LEU A 93 2.23 23.57 -14.72
CA LEU A 93 2.57 23.87 -13.33
CA LEU A 93 2.55 23.87 -13.33
C LEU A 93 3.71 24.89 -13.38
C LEU A 93 3.70 24.88 -13.34
N THR A 94 3.35 26.13 -13.65
CA THR A 94 4.33 27.19 -13.85
C THR A 94 4.70 27.92 -12.57
N ALA A 95 3.99 27.70 -11.46
CA ALA A 95 4.29 28.43 -10.24
C ALA A 95 5.72 28.12 -9.79
N LYS A 96 6.40 29.15 -9.29
CA LYS A 96 7.84 29.05 -9.05
C LYS A 96 8.19 28.05 -7.95
N GLN A 97 7.28 27.79 -7.02
CA GLN A 97 7.59 26.86 -5.94
C GLN A 97 7.83 25.44 -6.45
N TRP A 98 7.45 25.15 -7.69
CA TRP A 98 7.66 23.82 -8.26
C TRP A 98 9.06 23.65 -8.85
N ASN A 99 9.83 24.72 -9.01
CA ASN A 99 11.20 24.56 -9.46
C ASN A 99 11.99 23.77 -8.42
N GLY A 100 12.54 22.64 -8.83
CA GLY A 100 13.32 21.82 -7.94
C GLY A 100 12.58 20.65 -7.34
N ILE A 101 11.28 20.52 -7.57
CA ILE A 101 10.50 19.41 -7.05
C ILE A 101 10.46 18.32 -8.12
N THR A 102 11.02 17.16 -7.80
CA THR A 102 11.19 16.07 -8.74
C THR A 102 10.16 14.98 -8.51
N LEU A 103 10.11 14.03 -9.44
CA LEU A 103 9.26 12.86 -9.26
C LEU A 103 9.63 12.12 -7.98
N LEU A 104 10.92 12.06 -7.64
CA LEU A 104 11.33 11.41 -6.40
C LEU A 104 10.63 12.06 -5.22
N HIS A 105 10.63 13.39 -5.17
CA HIS A 105 10.01 14.09 -4.05
C HIS A 105 8.53 13.74 -3.95
N LEU A 106 7.83 13.73 -5.09
CA LEU A 106 6.41 13.38 -5.06
C LEU A 106 6.21 11.96 -4.55
N ALA A 107 7.00 11.01 -5.07
CA ALA A 107 6.79 9.61 -4.73
C ALA A 107 7.03 9.31 -3.26
N THR A 108 7.88 10.10 -2.59
CA THR A 108 8.37 9.78 -1.26
C THR A 108 7.92 10.78 -0.20
N TYR A 109 6.95 11.66 -0.53
CA TYR A 109 6.36 12.60 0.41
C TYR A 109 7.34 13.68 0.87
N THR A 110 8.32 14.03 0.03
CA THR A 110 9.39 14.93 0.43
C THR A 110 9.40 16.23 -0.37
N ALA A 111 8.29 16.57 -1.03
CA ALA A 111 8.28 17.78 -1.85
C ALA A 111 8.27 19.07 -1.03
N GLY A 112 7.95 19.00 0.26
CA GLY A 112 7.98 20.17 1.13
C GLY A 112 6.63 20.51 1.74
N GLY A 113 5.80 19.51 2.00
CA GLY A 113 4.58 19.74 2.72
C GLY A 113 3.29 19.71 1.91
N LEU A 114 3.28 19.00 0.79
CA LEU A 114 2.02 18.75 0.13
C LEU A 114 1.06 18.09 1.12
N PRO A 115 -0.23 18.42 1.09
CA PRO A 115 -1.13 18.03 2.18
C PRO A 115 -1.56 16.56 2.14
N LEU A 116 -1.97 16.08 3.32
CA LEU A 116 -2.38 14.69 3.48
C LEU A 116 -3.44 14.30 2.45
N GLN A 117 -4.47 15.14 2.29
CA GLN A 117 -5.54 14.89 1.34
C GLN A 117 -5.55 15.93 0.24
N VAL A 118 -5.95 15.51 -0.96
CA VAL A 118 -6.44 16.48 -1.95
C VAL A 118 -7.80 16.99 -1.47
N PRO A 119 -8.03 18.31 -1.45
CA PRO A 119 -9.31 18.82 -0.94
C PRO A 119 -10.51 18.23 -1.67
N ASP A 120 -11.57 17.98 -0.89
CA ASP A 120 -12.77 17.34 -1.44
C ASP A 120 -13.42 18.19 -2.52
N GLU A 121 -13.17 19.50 -2.54
CA GLU A 121 -13.77 20.37 -3.54
C GLU A 121 -13.09 20.28 -4.90
N VAL A 122 -11.95 19.62 -5.00
CA VAL A 122 -11.29 19.42 -6.29
C VAL A 122 -12.07 18.37 -7.07
N LYS A 123 -12.85 18.82 -8.06
CA LYS A 123 -13.69 17.93 -8.84
C LYS A 123 -13.31 17.85 -10.32
N SER A 124 -12.53 18.80 -10.84
CA SER A 124 -12.19 18.84 -12.25
C SER A 124 -10.68 18.97 -12.43
N SER A 125 -10.23 18.73 -13.66
CA SER A 125 -8.81 18.93 -13.97
C SER A 125 -8.41 20.38 -13.71
N SER A 126 -9.31 21.32 -14.00
CA SER A 126 -9.06 22.73 -13.70
C SER A 126 -8.87 22.96 -12.21
N ASP A 127 -9.72 22.34 -11.39
CA ASP A 127 -9.56 22.47 -9.95
C ASP A 127 -8.22 21.91 -9.49
N LEU A 128 -7.80 20.80 -10.09
CA LEU A 128 -6.57 20.15 -9.65
C LEU A 128 -5.35 21.01 -9.94
N LEU A 129 -5.30 21.62 -11.13
CA LEU A 129 -4.20 22.52 -11.46
C LEU A 129 -4.16 23.69 -10.50
N ARG A 130 -5.32 24.28 -10.22
CA ARG A 130 -5.38 25.40 -9.30
C ARG A 130 -4.87 25.01 -7.93
N PHE A 131 -5.26 23.82 -7.45
CA PHE A 131 -4.79 23.33 -6.16
C PHE A 131 -3.26 23.32 -6.11
N TYR A 132 -2.62 22.66 -7.08
CA TYR A 132 -1.16 22.55 -7.02
C TYR A 132 -0.48 23.88 -7.33
N GLN A 133 -1.08 24.70 -8.20
CA GLN A 133 -0.48 26.00 -8.51
C GLN A 133 -0.48 26.93 -7.31
N ASN A 134 -1.47 26.81 -6.42
CA ASN A 134 -1.60 27.71 -5.28
C ASN A 134 -0.98 27.15 -4.00
N TRP A 135 -0.62 25.88 -3.98
CA TRP A 135 -0.01 25.30 -2.79
C TRP A 135 1.32 25.97 -2.51
N GLN A 136 1.55 26.31 -1.24
CA GLN A 136 2.81 26.92 -0.84
C GLN A 136 3.57 25.99 0.08
N PRO A 137 4.78 25.59 -0.25
CA PRO A 137 5.50 24.63 0.58
C PRO A 137 5.93 25.24 1.91
N ALA A 138 5.92 24.38 2.94
CA ALA A 138 6.43 24.74 4.25
C ALA A 138 7.93 24.53 4.38
N TRP A 139 8.51 23.69 3.53
CA TRP A 139 9.92 23.34 3.62
C TRP A 139 10.51 23.21 2.22
N ALA A 140 11.82 23.35 2.15
CA ALA A 140 12.52 23.11 0.90
C ALA A 140 12.40 21.64 0.52
N PRO A 141 12.42 21.32 -0.77
CA PRO A 141 12.26 19.94 -1.18
C PRO A 141 13.40 19.07 -0.68
N GLY A 142 13.07 17.81 -0.39
CA GLY A 142 14.07 16.85 0.02
C GLY A 142 14.60 17.05 1.42
N THR A 143 13.82 17.63 2.33
CA THR A 143 14.26 17.84 3.70
C THR A 143 13.33 17.25 4.75
N GLN A 144 12.03 17.22 4.49
CA GLN A 144 11.06 16.72 5.45
C GLN A 144 10.08 15.78 4.75
N ARG A 145 9.77 14.67 5.42
CA ARG A 145 8.77 13.73 4.95
C ARG A 145 7.46 14.04 5.65
N LEU A 146 6.41 14.28 4.87
CA LEU A 146 5.05 14.49 5.38
C LEU A 146 4.14 13.60 4.52
N TYR A 147 3.71 12.47 5.07
CA TYR A 147 2.89 11.52 4.31
C TYR A 147 1.69 12.23 3.69
N ALA A 148 1.48 12.00 2.40
CA ALA A 148 0.50 12.80 1.65
C ALA A 148 -0.04 12.04 0.45
N ASN A 149 -1.37 11.87 0.41
CA ASN A 149 -2.01 11.36 -0.78
C ASN A 149 -1.82 12.29 -1.97
N SER A 150 -1.81 13.61 -1.72
CA SER A 150 -1.64 14.57 -2.81
C SER A 150 -0.25 14.52 -3.42
N SER A 151 0.71 13.88 -2.74
CA SER A 151 2.07 13.78 -3.24
C SER A 151 2.24 12.52 -4.09
N ILE A 152 2.06 11.35 -3.50
CA ILE A 152 2.23 10.13 -4.29
C ILE A 152 1.10 10.01 -5.32
N GLY A 153 -0.07 10.59 -5.04
CA GLY A 153 -1.12 10.58 -6.04
C GLY A 153 -0.70 11.28 -7.31
N LEU A 154 -0.06 12.44 -7.18
CA LEU A 154 0.43 13.14 -8.37
C LEU A 154 1.54 12.36 -9.04
N PHE A 155 2.43 11.75 -8.26
CA PHE A 155 3.46 10.90 -8.84
C PHE A 155 2.86 9.83 -9.75
N GLY A 156 1.86 9.10 -9.26
CA GLY A 156 1.26 8.06 -10.07
C GLY A 156 0.64 8.57 -11.35
N ALA A 157 -0.07 9.72 -11.27
CA ALA A 157 -0.72 10.27 -12.45
C ALA A 157 0.30 10.73 -13.49
N LEU A 158 1.45 11.24 -13.04
CA LEU A 158 2.44 11.72 -13.99
C LEU A 158 3.33 10.60 -14.51
N ALA A 159 3.56 9.57 -13.69
CA ALA A 159 4.45 8.49 -14.08
C ALA A 159 3.94 7.72 -15.30
N VAL A 160 2.61 7.70 -15.50
CA VAL A 160 2.02 6.97 -16.61
C VAL A 160 1.88 7.81 -17.87
N LYS A 161 2.20 9.11 -17.81
CA LYS A 161 1.97 9.95 -18.98
C LYS A 161 2.79 9.51 -20.19
N PRO A 162 4.07 9.15 -20.05
CA PRO A 162 4.81 8.72 -21.25
C PRO A 162 4.23 7.50 -21.92
N SER A 163 3.50 6.66 -21.19
CA SER A 163 2.90 5.48 -21.81
C SER A 163 1.72 5.83 -22.70
N GLY A 164 1.13 7.01 -22.53
CA GLY A 164 -0.11 7.32 -23.22
C GLY A 164 -1.33 6.60 -22.69
N LEU A 165 -1.19 5.85 -21.60
CA LEU A 165 -2.31 5.13 -21.01
C LEU A 165 -2.82 5.89 -19.80
N SER A 166 -4.11 5.73 -19.50
CA SER A 166 -4.61 6.18 -18.22
C SER A 166 -3.93 5.42 -17.09
N PHE A 167 -3.98 6.00 -15.89
CA PHE A 167 -3.46 5.31 -14.72
C PHE A 167 -4.09 3.93 -14.59
N GLU A 168 -5.42 3.84 -14.72
CA GLU A 168 -6.09 2.55 -14.58
C GLU A 168 -5.64 1.57 -15.65
N GLN A 169 -5.56 2.02 -16.90
CA GLN A 169 -5.17 1.11 -17.97
C GLN A 169 -3.74 0.64 -17.80
N ALA A 170 -2.84 1.55 -17.38
CA ALA A 170 -1.46 1.18 -17.14
C ALA A 170 -1.35 0.15 -16.02
N MET A 171 -2.07 0.38 -14.92
CA MET A 171 -2.04 -0.56 -13.81
C MET A 171 -2.58 -1.92 -14.21
N GLN A 172 -3.69 -1.94 -14.96
N GLN A 172 -3.71 -1.93 -14.93
CA GLN A 172 -4.28 -3.21 -15.38
CA GLN A 172 -4.29 -3.21 -15.38
C GLN A 172 -3.35 -3.97 -16.31
C GLN A 172 -3.31 -4.00 -16.22
N THR A 173 -2.78 -3.27 -17.31
N THR A 173 -2.77 -3.37 -17.27
CA THR A 173 -1.97 -3.94 -18.32
CA THR A 173 -1.99 -4.11 -18.25
C THR A 173 -0.59 -4.33 -17.79
C THR A 173 -0.55 -4.32 -17.83
N ARG A 174 -0.01 -3.48 -16.95
CA ARG A 174 1.40 -3.59 -16.60
C ARG A 174 1.65 -4.27 -15.26
N VAL A 175 0.65 -4.32 -14.38
CA VAL A 175 0.80 -4.91 -13.04
C VAL A 175 -0.23 -5.99 -12.79
N PHE A 176 -1.52 -5.65 -12.83
CA PHE A 176 -2.53 -6.63 -12.44
C PHE A 176 -2.51 -7.86 -13.35
N GLN A 177 -2.56 -7.63 -14.67
CA GLN A 177 -2.65 -8.77 -15.60
C GLN A 177 -1.42 -9.66 -15.55
N PRO A 178 -0.19 -9.14 -15.64
CA PRO A 178 0.98 -10.04 -15.64
C PRO A 178 1.08 -10.87 -14.37
N LEU A 179 0.64 -10.32 -13.24
CA LEU A 179 0.69 -11.01 -11.96
C LEU A 179 -0.56 -11.83 -11.70
N LYS A 180 -1.48 -11.89 -12.66
CA LYS A 180 -2.71 -12.69 -12.53
C LYS A 180 -3.52 -12.27 -11.31
N LEU A 181 -3.56 -10.96 -11.03
CA LEU A 181 -4.43 -10.40 -10.00
C LEU A 181 -5.76 -10.07 -10.69
N ASN A 182 -6.53 -11.12 -10.96
CA ASN A 182 -7.72 -11.01 -11.78
C ASN A 182 -8.96 -10.64 -10.98
N HIS A 183 -8.83 -10.47 -9.67
CA HIS A 183 -9.90 -9.97 -8.81
C HIS A 183 -9.40 -8.81 -7.97
N THR A 184 -8.63 -7.94 -8.61
CA THR A 184 -8.13 -6.69 -8.04
C THR A 184 -8.56 -5.56 -8.96
N TRP A 185 -9.21 -4.54 -8.40
CA TRP A 185 -9.90 -3.55 -9.20
C TRP A 185 -9.68 -2.15 -8.66
N ILE A 186 -9.46 -1.21 -9.58
CA ILE A 186 -9.62 0.20 -9.23
C ILE A 186 -11.10 0.56 -9.24
N ASN A 187 -11.85 0.07 -10.23
CA ASN A 187 -13.30 0.23 -10.31
C ASN A 187 -13.90 -1.17 -10.38
N VAL A 188 -14.68 -1.53 -9.37
CA VAL A 188 -15.29 -2.86 -9.30
C VAL A 188 -16.34 -2.98 -10.39
N PRO A 189 -16.22 -3.93 -11.32
CA PRO A 189 -17.23 -4.07 -12.38
C PRO A 189 -18.54 -4.56 -11.83
N PRO A 190 -19.66 -4.28 -12.51
CA PRO A 190 -20.97 -4.70 -11.99
C PRO A 190 -21.05 -6.17 -11.66
N ALA A 191 -20.47 -7.02 -12.49
CA ALA A 191 -20.57 -8.47 -12.26
C ALA A 191 -19.82 -8.92 -11.03
N GLU A 192 -18.91 -8.09 -10.50
CA GLU A 192 -18.15 -8.44 -9.32
C GLU A 192 -18.67 -7.78 -8.04
N GLU A 193 -19.66 -6.89 -8.14
N GLU A 193 -19.67 -6.90 -8.14
CA GLU A 193 -20.18 -6.20 -6.96
CA GLU A 193 -20.18 -6.20 -6.96
C GLU A 193 -20.69 -7.18 -5.91
C GLU A 193 -20.69 -7.19 -5.91
N LYS A 194 -21.17 -8.36 -6.33
CA LYS A 194 -21.67 -9.34 -5.38
C LYS A 194 -20.62 -9.75 -4.34
N ASN A 195 -19.34 -9.61 -4.66
N ASN A 195 -19.34 -9.58 -4.69
CA ASN A 195 -18.28 -9.99 -3.74
CA ASN A 195 -18.23 -9.97 -3.83
C ASN A 195 -17.69 -8.80 -3.01
C ASN A 195 -17.73 -8.81 -2.97
N TYR A 196 -18.23 -7.59 -3.19
CA TYR A 196 -17.66 -6.40 -2.58
C TYR A 196 -18.22 -6.25 -1.16
N ALA A 197 -17.37 -6.45 -0.17
CA ALA A 197 -17.79 -6.30 1.21
C ALA A 197 -18.22 -4.86 1.48
N TRP A 198 -19.12 -4.72 2.45
CA TRP A 198 -19.41 -3.41 3.02
C TRP A 198 -18.42 -3.11 4.13
N GLY A 199 -17.96 -1.86 4.19
CA GLY A 199 -17.28 -1.38 5.36
C GLY A 199 -18.26 -0.92 6.41
N TYR A 200 -17.83 -0.93 7.67
CA TYR A 200 -18.71 -0.55 8.78
C TYR A 200 -18.07 0.55 9.61
N ARG A 201 -18.76 1.69 9.67
CA ARG A 201 -18.33 2.83 10.46
C ARG A 201 -19.51 3.29 11.30
N GLU A 202 -19.33 3.30 12.62
CA GLU A 202 -20.41 3.65 13.55
C GLU A 202 -21.67 2.83 13.25
N GLY A 203 -21.47 1.57 12.88
CA GLY A 203 -22.56 0.65 12.64
C GLY A 203 -23.18 0.73 11.26
N LYS A 204 -22.77 1.69 10.43
CA LYS A 204 -23.38 1.92 9.12
C LYS A 204 -22.50 1.34 8.02
N ALA A 205 -23.14 0.78 7.00
CA ALA A 205 -22.46 0.20 5.86
C ALA A 205 -22.02 1.29 4.89
N VAL A 206 -20.73 1.31 4.57
CA VAL A 206 -20.15 2.37 3.76
C VAL A 206 -19.11 1.83 2.79
N HIS A 207 -18.98 2.53 1.66
CA HIS A 207 -17.91 2.33 0.70
C HIS A 207 -17.19 3.67 0.52
N VAL A 208 -15.92 3.57 0.09
CA VAL A 208 -15.13 4.77 -0.11
C VAL A 208 -15.75 5.63 -1.20
N SER A 209 -15.64 6.94 -1.03
CA SER A 209 -16.22 7.86 -2.00
C SER A 209 -15.20 8.21 -3.07
N PRO A 210 -15.66 8.53 -4.29
CA PRO A 210 -14.73 9.00 -5.32
C PRO A 210 -14.02 10.28 -4.90
N GLY A 211 -12.76 10.40 -5.29
CA GLY A 211 -12.02 11.61 -5.07
C GLY A 211 -10.87 11.73 -6.04
N ALA A 212 -10.35 12.95 -6.19
CA ALA A 212 -9.23 13.18 -7.08
C ALA A 212 -8.02 12.34 -6.67
N LEU A 213 -7.42 11.67 -7.65
CA LEU A 213 -6.23 10.85 -7.45
C LEU A 213 -6.49 9.68 -6.50
N ASP A 214 -7.74 9.25 -6.40
CA ASP A 214 -8.07 8.17 -5.48
C ASP A 214 -7.42 6.85 -5.88
N ALA A 215 -7.45 6.50 -7.18
CA ALA A 215 -6.87 5.23 -7.61
C ALA A 215 -5.42 5.11 -7.18
N GLU A 216 -4.68 6.22 -7.28
CA GLU A 216 -3.26 6.25 -7.02
C GLU A 216 -2.95 6.13 -5.53
N ALA A 217 -3.81 6.68 -4.67
CA ALA A 217 -3.49 6.81 -3.26
C ALA A 217 -4.25 5.88 -2.33
N TYR A 218 -5.50 5.52 -2.63
CA TYR A 218 -6.28 4.76 -1.68
C TYR A 218 -7.45 3.96 -2.26
N GLY A 219 -7.52 3.80 -3.59
CA GLY A 219 -8.75 3.34 -4.22
C GLY A 219 -8.85 1.90 -4.69
N VAL A 220 -7.84 1.07 -4.47
CA VAL A 220 -7.87 -0.31 -4.98
C VAL A 220 -8.68 -1.20 -4.03
N LYS A 221 -9.42 -2.15 -4.62
CA LYS A 221 -10.10 -3.22 -3.90
C LYS A 221 -9.54 -4.57 -4.36
N SER A 222 -9.42 -5.51 -3.43
CA SER A 222 -8.82 -6.80 -3.76
C SER A 222 -9.30 -7.87 -2.79
N THR A 223 -9.06 -9.12 -3.17
CA THR A 223 -9.38 -10.27 -2.35
C THR A 223 -8.17 -10.72 -1.56
N ILE A 224 -8.40 -11.59 -0.58
CA ILE A 224 -7.28 -12.11 0.21
C ILE A 224 -6.35 -12.94 -0.67
N GLU A 225 -6.90 -13.65 -1.66
CA GLU A 225 -6.07 -14.48 -2.54
C GLU A 225 -5.19 -13.62 -3.43
N ASP A 226 -5.74 -12.57 -4.03
CA ASP A 226 -4.90 -11.73 -4.87
C ASP A 226 -3.86 -11.00 -4.03
N MET A 227 -4.22 -10.60 -2.80
CA MET A 227 -3.25 -9.89 -1.96
C MET A 227 -2.13 -10.83 -1.51
N ALA A 228 -2.44 -12.11 -1.25
CA ALA A 228 -1.37 -13.07 -0.98
C ALA A 228 -0.44 -13.18 -2.19
N ARG A 229 -1.01 -13.20 -3.40
CA ARG A 229 -0.17 -13.28 -4.60
C ARG A 229 0.66 -12.02 -4.79
N TRP A 230 0.09 -10.86 -4.43
CA TRP A 230 0.87 -9.62 -4.42
C TRP A 230 2.04 -9.72 -3.47
N VAL A 231 1.81 -10.24 -2.25
CA VAL A 231 2.92 -10.43 -1.32
C VAL A 231 3.96 -11.40 -1.89
N GLN A 232 3.52 -12.52 -2.47
CA GLN A 232 4.47 -13.47 -3.04
C GLN A 232 5.32 -12.79 -4.12
N SER A 233 4.70 -11.94 -4.93
CA SER A 233 5.41 -11.27 -6.01
C SER A 233 6.46 -10.31 -5.45
N ASN A 234 6.16 -9.65 -4.34
CA ASN A 234 7.11 -8.73 -3.72
C ASN A 234 8.16 -9.46 -2.90
N LEU A 235 7.86 -10.68 -2.45
CA LEU A 235 8.85 -11.51 -1.77
C LEU A 235 9.84 -12.14 -2.74
N LYS A 236 9.38 -12.45 -3.96
N LYS A 236 9.39 -12.48 -3.94
CA LYS A 236 10.14 -13.23 -4.93
CA LYS A 236 10.19 -13.23 -4.92
C LYS A 236 10.08 -12.55 -6.29
C LYS A 236 10.10 -12.56 -6.28
N PRO A 237 10.69 -11.37 -6.42
CA PRO A 237 10.59 -10.67 -7.71
C PRO A 237 11.22 -11.42 -8.87
N LEU A 238 12.22 -12.27 -8.60
CA LEU A 238 12.85 -12.98 -9.70
C LEU A 238 11.93 -14.02 -10.32
N ASP A 239 10.82 -14.36 -9.66
CA ASP A 239 9.86 -15.26 -10.26
C ASP A 239 9.00 -14.57 -11.31
N ILE A 240 9.03 -13.24 -11.39
N ILE A 240 9.04 -13.25 -11.39
CA ILE A 240 8.23 -12.49 -12.34
CA ILE A 240 8.23 -12.49 -12.34
C ILE A 240 8.96 -12.48 -13.68
C ILE A 240 8.96 -12.47 -13.68
N ASN A 241 8.30 -12.99 -14.72
CA ASN A 241 8.96 -13.13 -16.00
C ASN A 241 9.15 -11.82 -16.75
N GLU A 242 8.26 -10.85 -16.53
CA GLU A 242 8.36 -9.55 -17.18
C GLU A 242 9.46 -8.73 -16.52
N LYS A 243 10.57 -8.51 -17.23
N LYS A 243 10.57 -8.51 -17.25
CA LYS A 243 11.75 -7.92 -16.60
CA LYS A 243 11.75 -7.91 -16.64
C LYS A 243 11.47 -6.53 -16.02
C LYS A 243 11.45 -6.55 -16.01
N THR A 244 10.68 -5.71 -16.70
CA THR A 244 10.45 -4.36 -16.19
C THR A 244 9.65 -4.40 -14.89
N LEU A 245 8.78 -5.39 -14.73
CA LEU A 245 7.98 -5.50 -13.53
C LEU A 245 8.77 -6.10 -12.38
N GLN A 246 9.57 -7.13 -12.68
CA GLN A 246 10.55 -7.62 -11.73
C GLN A 246 11.40 -6.47 -11.20
N GLN A 247 11.91 -5.64 -12.10
CA GLN A 247 12.75 -4.53 -11.66
C GLN A 247 11.93 -3.46 -10.94
N GLY A 248 10.70 -3.20 -11.38
CA GLY A 248 9.89 -2.22 -10.68
C GLY A 248 9.60 -2.62 -9.25
N ILE A 249 9.35 -3.91 -9.02
N ILE A 249 9.33 -3.92 -9.03
CA ILE A 249 9.15 -4.41 -7.66
CA ILE A 249 9.16 -4.44 -7.68
C ILE A 249 10.41 -4.15 -6.83
C ILE A 249 10.40 -4.14 -6.85
N GLN A 250 11.58 -4.45 -7.41
CA GLN A 250 12.81 -4.23 -6.68
C GLN A 250 13.01 -2.75 -6.38
N LEU A 251 12.74 -1.88 -7.37
CA LEU A 251 12.96 -0.44 -7.16
C LEU A 251 12.02 0.12 -6.10
N ALA A 252 10.81 -0.44 -5.97
CA ALA A 252 9.90 0.07 -4.95
C ALA A 252 10.35 -0.28 -3.55
N GLN A 253 11.22 -1.28 -3.40
CA GLN A 253 11.84 -1.63 -2.13
C GLN A 253 13.24 -1.05 -1.95
N SER A 254 13.69 -0.22 -2.88
CA SER A 254 14.94 0.48 -2.62
C SER A 254 14.70 1.52 -1.53
N ARG A 255 15.78 1.88 -0.85
CA ARG A 255 15.70 2.79 0.31
C ARG A 255 16.17 4.16 -0.14
N TYR A 256 15.23 5.11 -0.23
CA TYR A 256 15.51 6.44 -0.76
C TYR A 256 15.78 7.49 0.32
N TRP A 257 15.17 7.32 1.49
CA TRP A 257 15.31 8.24 2.60
C TRP A 257 15.28 7.43 3.90
N GLN A 258 15.91 7.95 4.93
CA GLN A 258 15.82 7.36 6.27
C GLN A 258 15.34 8.40 7.26
N THR A 259 14.49 7.97 8.19
CA THR A 259 14.16 8.77 9.36
C THR A 259 14.00 7.81 10.52
N GLY A 260 14.79 8.02 11.57
CA GLY A 260 14.84 7.03 12.63
C GLY A 260 15.23 5.71 12.03
N ASP A 261 14.51 4.65 12.42
CA ASP A 261 14.81 3.32 11.92
C ASP A 261 13.98 2.93 10.70
N MET A 262 13.26 3.86 10.08
N MET A 262 13.32 3.89 10.05
CA MET A 262 12.46 3.51 8.92
CA MET A 262 12.44 3.61 8.93
C MET A 262 13.04 4.12 7.65
C MET A 262 13.05 4.14 7.63
N TYR A 263 12.84 3.40 6.55
CA TYR A 263 13.29 3.78 5.24
C TYR A 263 12.09 3.89 4.32
N GLN A 264 12.09 4.92 3.48
CA GLN A 264 11.00 5.14 2.54
C GLN A 264 11.35 4.52 1.20
N GLY A 265 10.47 3.64 0.71
CA GLY A 265 10.52 3.14 -0.65
C GLY A 265 9.54 3.87 -1.54
N LEU A 266 9.13 3.21 -2.63
CA LEU A 266 8.06 3.71 -3.48
C LEU A 266 6.80 2.98 -3.03
N GLY A 267 5.98 3.67 -2.23
CA GLY A 267 4.83 3.04 -1.62
C GLY A 267 5.16 2.25 -0.38
N TRP A 268 5.96 1.20 -0.56
CA TRP A 268 6.43 0.40 0.56
C TRP A 268 7.29 1.24 1.50
N GLU A 269 7.26 0.88 2.78
CA GLU A 269 8.20 1.35 3.78
C GLU A 269 8.93 0.13 4.34
N MET A 270 10.16 0.33 4.81
CA MET A 270 11.02 -0.78 5.18
C MET A 270 11.80 -0.45 6.44
N LEU A 271 12.10 -1.49 7.22
CA LEU A 271 13.05 -1.42 8.32
C LEU A 271 13.98 -2.62 8.23
N ASP A 272 15.16 -2.51 8.83
CA ASP A 272 16.05 -3.66 8.90
C ASP A 272 15.43 -4.76 9.77
N TRP A 273 15.61 -6.02 9.32
CA TRP A 273 15.19 -7.19 10.08
C TRP A 273 16.41 -7.85 10.72
N PRO A 274 16.37 -8.24 12.00
CA PRO A 274 15.23 -8.15 12.92
C PRO A 274 14.87 -6.72 13.32
N VAL A 275 13.58 -6.50 13.46
CA VAL A 275 13.03 -5.19 13.77
C VAL A 275 12.72 -5.14 15.26
N ASN A 276 12.75 -3.92 15.81
CA ASN A 276 12.22 -3.64 17.13
C ASN A 276 10.70 -3.57 17.00
N PRO A 277 9.96 -4.54 17.53
CA PRO A 277 8.50 -4.50 17.31
C PRO A 277 7.85 -3.23 17.81
N ASP A 278 8.32 -2.67 18.92
CA ASP A 278 7.69 -1.46 19.42
C ASP A 278 7.84 -0.30 18.44
N SER A 279 8.92 -0.28 17.65
N SER A 279 8.95 -0.27 17.68
CA SER A 279 9.08 0.81 16.71
CA SER A 279 9.13 0.77 16.67
C SER A 279 8.05 0.74 15.58
C SER A 279 8.02 0.72 15.62
N ILE A 280 7.79 -0.45 15.04
CA ILE A 280 6.80 -0.56 13.98
C ILE A 280 5.40 -0.38 14.55
N ILE A 281 5.13 -0.90 15.74
CA ILE A 281 3.80 -0.75 16.34
C ILE A 281 3.54 0.71 16.65
N ASN A 282 4.43 1.34 17.42
CA ASN A 282 4.22 2.73 17.82
C ASN A 282 4.28 3.66 16.61
N GLY A 283 5.17 3.37 15.66
CA GLY A 283 5.33 4.21 14.49
C GLY A 283 4.13 4.20 13.57
N SER A 284 3.25 3.20 13.70
CA SER A 284 2.08 3.12 12.85
C SER A 284 0.93 3.99 13.35
N ASP A 285 1.00 4.51 14.57
CA ASP A 285 -0.05 5.38 15.06
C ASP A 285 -0.13 6.62 14.20
N ASN A 286 -1.35 7.03 13.85
CA ASN A 286 -1.54 8.19 12.97
C ASN A 286 -0.81 9.44 13.49
N LYS A 287 -0.76 9.62 14.81
CA LYS A 287 -0.09 10.80 15.35
C LYS A 287 1.38 10.85 14.96
N ILE A 288 2.00 9.70 14.76
CA ILE A 288 3.40 9.60 14.38
C ILE A 288 3.57 9.45 12.88
N ALA A 289 2.83 8.50 12.29
CA ALA A 289 3.00 8.20 10.88
C ALA A 289 2.73 9.41 10.02
N LEU A 290 1.82 10.29 10.45
CA LEU A 290 1.41 11.41 9.64
C LEU A 290 2.11 12.71 10.00
N ALA A 291 3.01 12.68 10.98
CA ALA A 291 3.71 13.89 11.38
C ALA A 291 4.87 14.18 10.43
N ALA A 292 5.22 15.45 10.31
CA ALA A 292 6.38 15.83 9.53
C ALA A 292 7.65 15.46 10.29
N ARG A 293 8.59 14.84 9.59
CA ARG A 293 9.83 14.38 10.19
C ARG A 293 10.98 14.62 9.23
N PRO A 294 12.13 15.07 9.73
CA PRO A 294 13.27 15.26 8.84
C PRO A 294 13.78 13.93 8.28
N VAL A 295 14.23 13.97 7.03
CA VAL A 295 14.76 12.78 6.35
C VAL A 295 16.21 13.03 5.93
N LYS A 296 16.98 11.95 5.90
CA LYS A 296 18.31 11.94 5.33
C LYS A 296 18.27 11.18 4.01
N ALA A 297 18.83 11.76 2.97
CA ALA A 297 18.86 11.12 1.67
C ALA A 297 19.83 9.95 1.70
N ILE A 298 19.50 8.93 0.91
CA ILE A 298 20.37 7.79 0.64
C ILE A 298 20.69 7.85 -0.84
N THR A 299 21.93 8.21 -1.18
CA THR A 299 22.33 8.40 -2.56
C THR A 299 23.61 7.62 -2.81
N PRO A 300 23.58 6.60 -3.69
CA PRO A 300 22.39 6.13 -4.41
C PRO A 300 21.44 5.41 -3.46
N PRO A 301 20.18 5.27 -3.84
CA PRO A 301 19.26 4.50 -2.99
C PRO A 301 19.80 3.10 -2.76
N THR A 302 19.63 2.59 -1.54
CA THR A 302 20.08 1.23 -1.25
C THR A 302 19.24 0.24 -2.06
N PRO A 303 19.84 -0.63 -2.86
CA PRO A 303 19.03 -1.67 -3.53
C PRO A 303 18.31 -2.53 -2.49
N ALA A 304 17.12 -3.01 -2.86
CA ALA A 304 16.27 -3.77 -1.95
C ALA A 304 17.07 -4.74 -1.10
N VAL A 305 16.88 -4.62 0.22
CA VAL A 305 17.61 -5.41 1.21
C VAL A 305 16.72 -6.59 1.59
N ARG A 306 17.22 -7.82 1.39
CA ARG A 306 16.38 -8.98 1.67
C ARG A 306 16.03 -9.07 3.15
N ALA A 307 16.98 -8.74 4.03
CA ALA A 307 16.74 -8.78 5.48
C ALA A 307 16.06 -7.47 5.92
N SER A 308 14.80 -7.32 5.47
CA SER A 308 13.97 -6.19 5.83
C SER A 308 12.59 -6.65 6.26
N TRP A 309 11.96 -5.85 7.11
CA TRP A 309 10.53 -5.87 7.34
C TRP A 309 9.93 -4.82 6.41
N VAL A 310 9.14 -5.26 5.44
CA VAL A 310 8.57 -4.40 4.39
C VAL A 310 7.08 -4.37 4.65
N HIS A 311 6.49 -3.17 4.67
CA HIS A 311 5.09 -3.14 5.10
C HIS A 311 4.37 -1.87 4.64
N LYS A 312 3.04 -1.93 4.77
CA LYS A 312 2.18 -0.78 4.52
C LYS A 312 0.84 -0.97 5.20
N THR A 313 0.37 0.09 5.88
CA THR A 313 -0.97 0.19 6.44
C THR A 313 -1.92 0.87 5.46
N GLY A 314 -3.21 0.60 5.62
CA GLY A 314 -4.21 1.32 4.85
C GLY A 314 -5.55 1.35 5.53
N ALA A 315 -6.31 2.40 5.25
CA ALA A 315 -7.65 2.51 5.79
C ALA A 315 -8.54 3.32 4.86
N THR A 316 -9.84 3.06 4.96
CA THR A 316 -10.88 3.93 4.47
C THR A 316 -11.87 4.10 5.61
N GLY A 317 -12.95 4.86 5.37
CA GLY A 317 -13.92 5.06 6.43
C GLY A 317 -14.38 3.78 7.08
N GLY A 318 -14.51 2.71 6.28
CA GLY A 318 -15.07 1.47 6.76
C GLY A 318 -14.16 0.26 6.74
N PHE A 319 -12.88 0.43 6.41
CA PHE A 319 -11.97 -0.70 6.25
C PHE A 319 -10.61 -0.41 6.87
N GLY A 320 -9.92 -1.48 7.28
CA GLY A 320 -8.56 -1.38 7.79
C GLY A 320 -7.73 -2.53 7.28
N SER A 321 -6.57 -2.22 6.70
N SER A 321 -6.57 -2.23 6.68
CA SER A 321 -5.74 -3.22 6.03
CA SER A 321 -5.75 -3.22 6.02
C SER A 321 -4.30 -3.10 6.50
C SER A 321 -4.30 -3.10 6.49
N TYR A 322 -3.57 -4.21 6.38
CA TYR A 322 -2.15 -4.20 6.70
C TYR A 322 -1.49 -5.33 5.93
N VAL A 323 -0.31 -5.04 5.38
N VAL A 323 -0.30 -5.05 5.39
CA VAL A 323 0.52 -6.01 4.68
CA VAL A 323 0.51 -6.04 4.69
C VAL A 323 1.95 -5.88 5.21
C VAL A 323 1.94 -5.89 5.17
N ALA A 324 2.58 -7.01 5.53
CA ALA A 324 3.98 -7.01 5.94
C ALA A 324 4.65 -8.29 5.45
N PHE A 325 5.93 -8.18 5.11
CA PHE A 325 6.66 -9.37 4.68
C PHE A 325 8.16 -9.19 4.88
N ILE A 326 8.85 -10.32 4.93
CA ILE A 326 10.29 -10.38 5.21
C ILE A 326 10.93 -11.23 4.11
N PRO A 327 11.51 -10.61 3.07
CA PRO A 327 12.01 -11.40 1.92
C PRO A 327 12.96 -12.52 2.32
N GLU A 328 13.92 -12.24 3.21
N GLU A 328 13.91 -12.23 3.20
CA GLU A 328 14.91 -13.24 3.57
CA GLU A 328 14.91 -13.24 3.57
C GLU A 328 14.29 -14.49 4.18
C GLU A 328 14.26 -14.49 4.14
N LYS A 329 13.13 -14.36 4.81
CA LYS A 329 12.47 -15.48 5.48
C LYS A 329 11.34 -16.08 4.68
N GLU A 330 11.01 -15.52 3.52
CA GLU A 330 9.86 -15.93 2.71
CA GLU A 330 9.87 -15.96 2.72
C GLU A 330 8.59 -16.01 3.55
N LEU A 331 8.38 -14.96 4.33
N LEU A 331 8.45 -15.01 4.44
CA LEU A 331 7.35 -14.91 5.37
CA LEU A 331 7.35 -14.91 5.38
C LEU A 331 6.58 -13.62 5.22
C LEU A 331 6.57 -13.64 5.07
N GLY A 332 5.24 -13.71 5.23
CA GLY A 332 4.44 -12.50 5.13
C GLY A 332 3.04 -12.69 5.66
N ILE A 333 2.32 -11.57 5.73
CA ILE A 333 0.94 -11.59 6.18
C ILE A 333 0.16 -10.48 5.51
N VAL A 334 -1.11 -10.78 5.20
CA VAL A 334 -2.10 -9.80 4.76
C VAL A 334 -3.27 -9.88 5.74
N MET A 335 -3.71 -8.73 6.23
CA MET A 335 -4.86 -8.63 7.13
C MET A 335 -5.85 -7.62 6.55
N LEU A 336 -7.03 -8.09 6.15
CA LEU A 336 -8.05 -7.24 5.57
C LEU A 336 -9.30 -7.31 6.44
N ALA A 337 -9.79 -6.16 6.88
CA ALA A 337 -10.97 -6.09 7.73
C ALA A 337 -11.91 -5.01 7.23
N ASN A 338 -13.21 -5.23 7.46
CA ASN A 338 -14.23 -4.25 7.09
C ASN A 338 -14.68 -3.40 8.29
N LYS A 339 -13.71 -3.00 9.10
CA LYS A 339 -13.83 -1.89 10.04
C LYS A 339 -12.47 -1.23 10.09
N ASN A 340 -12.45 0.10 10.19
CA ASN A 340 -11.20 0.84 10.38
C ASN A 340 -10.90 0.82 11.87
N TYR A 341 -9.92 0.04 12.29
CA TYR A 341 -9.50 -0.04 13.68
C TYR A 341 -8.03 0.36 13.76
N PRO A 342 -7.52 0.72 14.94
CA PRO A 342 -6.23 1.42 14.99
C PRO A 342 -5.05 0.62 14.45
N ASN A 343 -4.20 1.31 13.69
CA ASN A 343 -3.01 0.68 13.13
C ASN A 343 -2.18 -0.09 14.14
N PRO A 344 -1.88 0.43 15.33
CA PRO A 344 -0.99 -0.33 16.24
C PRO A 344 -1.53 -1.71 16.57
N ALA A 345 -2.84 -1.88 16.67
CA ALA A 345 -3.41 -3.20 16.92
C ALA A 345 -3.12 -4.14 15.76
N ARG A 346 -3.16 -3.62 14.52
CA ARG A 346 -2.89 -4.43 13.34
C ARG A 346 -1.46 -4.90 13.33
N VAL A 347 -0.54 -3.96 13.57
CA VAL A 347 0.88 -4.26 13.46
C VAL A 347 1.30 -5.20 14.57
N ASP A 348 0.79 -4.99 15.78
N ASP A 348 0.79 -4.98 15.78
CA ASP A 348 1.13 -5.88 16.88
CA ASP A 348 1.10 -5.87 16.89
C ASP A 348 0.69 -7.31 16.58
C ASP A 348 0.70 -7.30 16.56
N ALA A 349 -0.51 -7.49 16.04
CA ALA A 349 -0.98 -8.83 15.71
C ALA A 349 -0.11 -9.46 14.64
N ALA A 350 0.23 -8.69 13.60
CA ALA A 350 1.07 -9.19 12.53
C ALA A 350 2.43 -9.62 13.07
N TRP A 351 3.03 -8.82 13.94
N TRP A 351 3.02 -8.79 13.92
CA TRP A 351 4.35 -9.20 14.44
CA TRP A 351 4.31 -9.12 14.52
C TRP A 351 4.27 -10.41 15.37
C TRP A 351 4.22 -10.43 15.31
N GLN A 352 3.19 -10.56 16.15
CA GLN A 352 3.08 -11.76 16.98
C GLN A 352 3.05 -13.00 16.11
N ILE A 353 2.32 -12.95 14.98
CA ILE A 353 2.24 -14.09 14.09
C ILE A 353 3.58 -14.36 13.40
N LEU A 354 4.16 -13.35 12.75
CA LEU A 354 5.40 -13.61 12.01
C LEU A 354 6.55 -13.96 12.95
N ASN A 355 6.64 -13.31 14.11
CA ASN A 355 7.68 -13.67 15.07
C ASN A 355 7.56 -15.13 15.51
N ALA A 356 6.34 -15.62 15.69
CA ALA A 356 6.12 -17.00 16.10
C ALA A 356 6.55 -18.00 15.02
N LEU A 357 6.58 -17.58 13.76
CA LEU A 357 6.84 -18.48 12.65
C LEU A 357 8.22 -18.33 12.03
N GLN A 358 9.04 -17.41 12.52
N GLN A 358 9.05 -17.42 12.52
CA GLN A 358 10.36 -17.21 11.93
CA GLN A 358 10.37 -17.23 11.96
C GLN A 358 11.27 -18.39 12.25
C GLN A 358 11.27 -18.42 12.32
O1 MES B . -9.22 -1.37 22.31
C2 MES B . -9.42 -2.41 23.26
C3 MES B . -10.67 -2.21 24.11
N4 MES B . -11.83 -2.06 23.24
C5 MES B . -11.55 -1.71 21.87
C6 MES B . -10.42 -0.69 21.96
C7 MES B . -12.89 -3.04 23.52
C8 MES B . -14.21 -2.46 22.98
S MES B . -15.53 -2.72 23.95
O1S MES B . -15.15 -3.30 25.25
O2S MES B . -16.14 -1.38 24.17
O3S MES B . -16.52 -3.53 23.22
C1 OP0 C . -4.50 5.47 3.49
O8 OP0 C . -5.18 4.57 3.81
N14 OP0 C . -4.78 6.83 3.93
C2 OP0 C . -6.03 7.21 4.65
C3 OP0 C . -6.92 7.61 3.52
N15 OP0 C . -7.94 6.65 3.07
O9 OP0 C . -6.78 8.66 2.97
C7 OP0 C . -3.80 7.96 3.87
C6 OP0 C . -3.30 8.10 5.33
C5 OP0 C . -4.40 8.20 6.27
C4 OP0 C . -5.75 8.32 5.67
N16 OP0 C . -2.50 6.82 5.44
S17 OP0 C . -2.22 4.92 6.94
O10 OP0 C . -2.22 6.57 6.79
O13 OP0 C . -1.02 4.34 6.23
O12 OP0 C . -1.93 4.64 8.40
O11 OP0 C . -3.50 4.20 6.54
N21 OP0 C . -9.42 9.75 1.76
C22 OP0 C . -10.42 8.66 1.62
C23 OP0 C . -10.03 7.44 2.48
O24 OP0 C . -8.79 6.96 2.01
ZN ZN D . -9.27 -19.28 21.71
ZN ZN E . -14.04 -14.34 -11.10
S SO4 F . -9.99 7.25 6.65
O1 SO4 F . -11.01 6.71 7.56
O2 SO4 F . -9.04 8.04 7.44
O3 SO4 F . -9.27 6.15 6.01
O4 SO4 F . -10.64 8.07 5.65
C1 PGE G . -5.53 13.05 -13.58
O1 PGE G . -6.37 12.80 -14.70
C2 PGE G . -4.22 13.65 -14.08
O2 PGE G . -3.74 14.56 -13.12
C3 PGE G . -2.43 15.03 -13.37
C4 PGE G . -2.51 16.27 -14.25
O4 PGE G . -3.71 16.89 -18.44
C6 PGE G . -2.51 16.38 -17.88
C5 PGE G . -2.32 16.96 -16.50
O3 PGE G . -2.13 15.92 -15.57
CL CL H . -7.32 -19.90 22.63
#